data_8DCI
#
_entry.id   8DCI
#
_cell.length_a   28.366
_cell.length_b   81.351
_cell.length_c   85.615
_cell.angle_alpha   90.000
_cell.angle_beta   90.000
_cell.angle_gamma   90.000
#
_symmetry.space_group_name_H-M   'P 21 21 21'
#
loop_
_entity.id
_entity.type
_entity.pdbx_description
1 polymer Protease
2 water water
#
_entity_poly.entity_id   1
_entity_poly.type   'polypeptide(L)'
_entity_poly.pdbx_seq_one_letter_code
;PQITLWKRPFVTVKIGGQITEALLDTGADDTIIENISLPGRWKPKIIQGIGGFLKVRQYDQIPIEIEGHKVIGSVVVGPT
PVNVIGRNVMSQLGATLNF
;
_entity_poly.pdbx_strand_id   A,B
#
# COMPACT_ATOMS: atom_id res chain seq x y z
N PRO A 1 -1.91 17.63 3.68
CA PRO A 1 -1.04 17.38 4.85
C PRO A 1 0.21 16.55 4.51
N GLN A 2 1.08 16.47 5.50
CA GLN A 2 2.25 15.57 5.48
C GLN A 2 1.86 14.39 6.34
N ILE A 3 1.90 13.19 5.78
CA ILE A 3 1.55 11.98 6.55
C ILE A 3 2.80 11.13 6.73
N THR A 4 3.25 10.97 7.96
CA THR A 4 4.34 10.06 8.31
C THR A 4 3.83 8.63 8.33
N LEU A 5 4.75 7.66 8.37
CA LEU A 5 4.40 6.24 8.16
C LEU A 5 4.70 5.40 9.39
N TRP A 6 4.71 6.05 10.55
CA TRP A 6 4.98 5.43 11.85
C TRP A 6 3.81 4.57 12.30
N LYS A 7 2.61 4.84 11.80
CA LYS A 7 1.38 4.05 12.03
CA LYS A 7 1.40 4.00 12.01
C LYS A 7 0.63 3.94 10.69
N ARG A 8 -0.38 3.08 10.64
CA ARG A 8 -1.20 2.96 9.43
C ARG A 8 -1.72 4.34 9.07
N PRO A 9 -1.56 4.79 7.80
CA PRO A 9 -2.00 6.12 7.34
C PRO A 9 -3.50 6.16 6.99
N PHE A 10 -4.33 6.17 8.02
CA PHE A 10 -5.80 6.37 7.82
C PHE A 10 -6.07 7.86 7.66
N VAL A 11 -7.08 8.15 6.83
CA VAL A 11 -7.56 9.53 6.53
C VAL A 11 -9.09 9.56 6.66
N THR A 12 -9.60 10.69 7.10
CA THR A 12 -11.05 11.00 7.09
C THR A 12 -11.52 11.15 5.65
N VAL A 13 -12.60 10.44 5.31
CA VAL A 13 -13.19 10.49 3.93
C VAL A 13 -14.66 10.91 4.06
N LYS A 14 -15.02 11.93 3.32
CA LYS A 14 -16.45 12.35 3.16
C LYS A 14 -16.87 11.96 1.74
N ILE A 15 -17.86 11.07 1.67
CA ILE A 15 -18.33 10.52 0.38
C ILE A 15 -19.81 10.08 0.55
N GLY A 16 -20.61 10.30 -0.48
CA GLY A 16 -22.03 9.89 -0.49
C GLY A 16 -22.79 10.47 0.69
N GLY A 17 -22.45 11.71 1.06
CA GLY A 17 -22.99 12.44 2.23
C GLY A 17 -22.68 11.78 3.58
N GLN A 18 -21.70 10.87 3.67
CA GLN A 18 -21.34 10.10 4.90
C GLN A 18 -19.87 10.38 5.22
N ILE A 19 -19.47 10.22 6.48
CA ILE A 19 -18.06 10.35 6.94
C ILE A 19 -17.57 8.95 7.31
N THR A 20 -16.41 8.55 6.79
CA THR A 20 -15.79 7.27 7.13
C THR A 20 -14.29 7.50 7.16
N GLU A 21 -13.56 6.42 7.25
CA GLU A 21 -12.10 6.51 7.25
C GLU A 21 -11.60 5.45 6.29
N ALA A 22 -10.41 5.65 5.75
CA ALA A 22 -9.82 4.69 4.81
C ALA A 22 -8.30 4.77 4.94
N LEU A 23 -7.64 3.72 4.51
CA LEU A 23 -6.18 3.58 4.53
C LEU A 23 -5.63 4.12 3.21
N LEU A 24 -4.66 5.01 3.25
CA LEU A 24 -3.92 5.42 2.04
C LEU A 24 -2.99 4.30 1.67
N ASP A 25 -3.19 3.66 0.54
CA ASP A 25 -2.51 2.38 0.23
C ASP A 25 -1.85 2.52 -1.15
N THR A 26 -0.58 2.89 -1.16
CA THR A 26 0.16 3.04 -2.43
C THR A 26 0.35 1.70 -3.15
N GLY A 27 0.11 0.57 -2.48
CA GLY A 27 0.11 -0.76 -3.09
C GLY A 27 -1.17 -1.12 -3.79
N ALA A 28 -2.20 -0.26 -3.72
CA ALA A 28 -3.53 -0.55 -4.33
C ALA A 28 -3.75 0.40 -5.52
N ASP A 29 -4.20 -0.16 -6.64
CA ASP A 29 -4.50 0.64 -7.83
C ASP A 29 -5.83 1.38 -7.60
N ASP A 30 -6.81 0.71 -7.00
CA ASP A 30 -8.20 1.19 -6.97
C ASP A 30 -8.60 1.56 -5.54
N THR A 31 -9.62 2.38 -5.43
CA THR A 31 -10.24 2.80 -4.14
C THR A 31 -11.45 1.91 -3.91
N ILE A 32 -11.53 1.32 -2.74
CA ILE A 32 -12.69 0.45 -2.38
C ILE A 32 -13.21 0.87 -1.00
N ILE A 33 -14.53 1.07 -0.94
CA ILE A 33 -15.21 1.53 0.31
C ILE A 33 -16.44 0.67 0.48
N GLU A 34 -16.65 0.13 1.68
CA GLU A 34 -17.79 -0.80 1.91
C GLU A 34 -18.88 -0.06 2.69
N ASN A 35 -20.11 -0.55 2.58
CA ASN A 35 -21.23 -0.06 3.43
C ASN A 35 -21.50 1.43 3.22
N ILE A 36 -21.23 1.97 2.02
CA ILE A 36 -21.68 3.33 1.63
C ILE A 36 -22.54 3.14 0.38
N SER A 37 -23.55 3.98 0.25
CA SER A 37 -24.45 4.03 -0.92
C SER A 37 -24.01 5.20 -1.77
N LEU A 38 -23.85 4.99 -3.07
CA LEU A 38 -23.45 6.02 -4.02
C LEU A 38 -24.56 6.16 -5.06
N PRO A 39 -24.76 7.36 -5.59
CA PRO A 39 -25.86 7.60 -6.54
C PRO A 39 -25.54 7.19 -7.95
N GLY A 40 -26.58 6.96 -8.74
CA GLY A 40 -26.52 6.83 -10.18
C GLY A 40 -25.91 5.52 -10.67
N ARG A 41 -25.37 5.58 -11.88
CA ARG A 41 -24.99 4.40 -12.68
C ARG A 41 -23.61 3.90 -12.26
N TRP A 42 -23.41 2.62 -12.37
CA TRP A 42 -22.12 1.94 -12.04
C TRP A 42 -21.79 1.01 -13.17
N LYS A 43 -20.58 0.46 -13.12
CA LYS A 43 -20.11 -0.60 -14.03
C LYS A 43 -19.81 -1.82 -13.18
N PRO A 44 -20.00 -3.03 -13.72
CA PRO A 44 -19.64 -4.25 -13.03
C PRO A 44 -18.13 -4.24 -12.83
N LYS A 45 -17.66 -4.79 -11.72
CA LYS A 45 -16.22 -4.98 -11.50
C LYS A 45 -16.00 -6.24 -10.67
N ILE A 46 -14.92 -6.95 -10.97
CA ILE A 46 -14.53 -8.20 -10.26
C ILE A 46 -13.38 -7.85 -9.33
N ILE A 47 -13.51 -8.22 -8.05
CA ILE A 47 -12.38 -8.19 -7.08
C ILE A 47 -12.18 -9.62 -6.59
N GLN A 48 -10.98 -9.91 -6.08
CA GLN A 48 -10.72 -11.16 -5.32
C GLN A 48 -11.22 -10.95 -3.89
N GLY A 49 -12.21 -11.75 -3.48
CA GLY A 49 -12.78 -11.68 -2.12
C GLY A 49 -12.29 -12.86 -1.28
N ILE A 50 -12.77 -12.95 -0.04
CA ILE A 50 -12.66 -14.22 0.75
C ILE A 50 -13.54 -15.24 0.01
N GLY A 51 -12.99 -16.41 -0.30
CA GLY A 51 -13.51 -17.27 -1.38
C GLY A 51 -13.06 -16.72 -2.72
N GLY A 52 -13.78 -17.02 -3.80
CA GLY A 52 -13.35 -16.65 -5.16
C GLY A 52 -13.53 -15.17 -5.49
N PHE A 53 -13.69 -14.90 -6.78
CA PHE A 53 -14.05 -13.59 -7.34
C PHE A 53 -15.39 -13.13 -6.76
N LEU A 54 -15.48 -11.86 -6.36
CA LEU A 54 -16.77 -11.19 -6.08
C LEU A 54 -17.07 -10.21 -7.22
N LYS A 55 -18.33 -10.19 -7.63
CA LYS A 55 -18.87 -9.19 -8.58
C LYS A 55 -19.34 -8.02 -7.72
N VAL A 56 -18.75 -6.83 -7.92
CA VAL A 56 -19.10 -5.61 -7.14
C VAL A 56 -19.33 -4.45 -8.11
N ARG A 57 -19.44 -3.23 -7.61
CA ARG A 57 -19.81 -2.05 -8.42
C ARG A 57 -18.66 -1.06 -8.44
N GLN A 58 -18.42 -0.50 -9.61
CA GLN A 58 -17.45 0.61 -9.78
C GLN A 58 -18.23 1.84 -10.21
N TYR A 59 -18.14 2.90 -9.42
CA TYR A 59 -18.74 4.20 -9.68
C TYR A 59 -17.66 5.17 -10.16
N ASP A 60 -17.93 5.88 -11.26
CA ASP A 60 -17.00 6.90 -11.77
C ASP A 60 -17.52 8.31 -11.47
N GLN A 61 -16.61 9.29 -11.50
CA GLN A 61 -16.90 10.71 -11.38
C GLN A 61 -17.58 11.00 -10.05
N ILE A 62 -17.12 10.38 -8.95
CA ILE A 62 -17.72 10.53 -7.60
C ILE A 62 -16.95 11.61 -6.87
N PRO A 63 -17.60 12.64 -6.33
CA PRO A 63 -16.92 13.59 -5.46
C PRO A 63 -16.52 12.91 -4.15
N ILE A 64 -15.27 13.11 -3.74
CA ILE A 64 -14.73 12.58 -2.47
C ILE A 64 -13.96 13.70 -1.82
N GLU A 65 -14.04 13.79 -0.50
CA GLU A 65 -13.20 14.74 0.28
C GLU A 65 -12.31 13.93 1.21
N ILE A 66 -11.00 14.11 1.08
CA ILE A 66 -10.00 13.34 1.88
C ILE A 66 -9.21 14.35 2.72
N GLU A 67 -9.33 14.24 4.05
CA GLU A 67 -8.71 15.23 4.97
C GLU A 67 -9.03 16.63 4.45
N GLY A 68 -10.26 16.89 4.02
CA GLY A 68 -10.69 18.24 3.62
C GLY A 68 -10.39 18.60 2.17
N HIS A 69 -9.69 17.76 1.40
CA HIS A 69 -9.31 18.05 0.00
C HIS A 69 -10.30 17.39 -0.96
N LYS A 70 -11.01 18.18 -1.76
CA LYS A 70 -12.04 17.70 -2.70
C LYS A 70 -11.41 17.23 -4.01
N VAL A 71 -11.77 16.02 -4.41
CA VAL A 71 -11.40 15.47 -5.72
C VAL A 71 -12.61 14.76 -6.28
N ILE A 72 -12.45 14.34 -7.51
CA ILE A 72 -13.45 13.52 -8.24
CA ILE A 72 -13.45 13.51 -8.24
C ILE A 72 -12.73 12.27 -8.72
N GLY A 73 -13.30 11.09 -8.46
CA GLY A 73 -12.65 9.89 -8.98
C GLY A 73 -13.53 8.68 -8.91
N SER A 74 -12.96 7.56 -9.25
CA SER A 74 -13.64 6.24 -9.34
C SER A 74 -13.57 5.53 -8.00
N VAL A 75 -14.69 4.93 -7.59
CA VAL A 75 -14.80 4.26 -6.27
C VAL A 75 -15.44 2.90 -6.50
N VAL A 76 -14.81 1.86 -6.04
CA VAL A 76 -15.39 0.49 -6.01
C VAL A 76 -16.13 0.35 -4.69
N VAL A 77 -17.38 -0.13 -4.77
CA VAL A 77 -18.23 -0.38 -3.58
C VAL A 77 -18.37 -1.88 -3.47
N GLY A 78 -17.84 -2.41 -2.40
CA GLY A 78 -17.81 -3.87 -2.21
C GLY A 78 -17.21 -4.22 -0.85
N PRO A 79 -17.35 -5.49 -0.46
CA PRO A 79 -16.68 -6.03 0.72
C PRO A 79 -15.16 -5.81 0.74
N THR A 80 -14.66 -5.30 1.87
CA THR A 80 -13.21 -5.11 2.08
C THR A 80 -12.95 -5.15 3.58
N PRO A 81 -11.84 -5.80 4.01
CA PRO A 81 -11.46 -5.83 5.42
C PRO A 81 -11.30 -4.40 5.96
N VAL A 82 -10.78 -3.49 5.12
CA VAL A 82 -10.57 -2.07 5.52
C VAL A 82 -10.88 -1.21 4.29
N ASN A 83 -11.43 -0.02 4.48
CA ASN A 83 -11.64 0.90 3.33
C ASN A 83 -10.25 1.31 2.84
N VAL A 84 -10.05 1.42 1.53
CA VAL A 84 -8.72 1.76 0.98
C VAL A 84 -8.86 2.86 -0.06
N ILE A 85 -8.04 3.89 0.07
CA ILE A 85 -7.81 4.90 -0.97
C ILE A 85 -6.59 4.44 -1.76
N GLY A 86 -6.80 4.15 -3.01
CA GLY A 86 -5.75 3.62 -3.88
C GLY A 86 -5.13 4.73 -4.70
N ARG A 87 -4.21 4.35 -5.58
CA ARG A 87 -3.41 5.33 -6.33
C ARG A 87 -4.30 6.18 -7.26
N ASN A 88 -5.40 5.64 -7.78
CA ASN A 88 -6.30 6.38 -8.71
C ASN A 88 -6.70 7.70 -8.03
N VAL A 89 -7.18 7.63 -6.79
CA VAL A 89 -7.63 8.85 -6.09
C VAL A 89 -6.43 9.64 -5.56
N MET A 90 -5.41 8.95 -5.04
CA MET A 90 -4.22 9.70 -4.56
C MET A 90 -3.61 10.54 -5.69
N SER A 91 -3.57 10.04 -6.91
CA SER A 91 -3.01 10.84 -8.04
CA SER A 91 -3.05 10.81 -8.09
C SER A 91 -3.93 12.06 -8.30
N GLN A 92 -5.23 11.93 -8.11
CA GLN A 92 -6.16 13.08 -8.26
C GLN A 92 -5.88 14.11 -7.16
N LEU A 93 -5.48 13.66 -5.98
CA LEU A 93 -5.10 14.55 -4.86
C LEU A 93 -3.77 15.26 -5.15
N GLY A 94 -2.95 14.77 -6.09
CA GLY A 94 -1.58 15.26 -6.32
C GLY A 94 -0.64 14.71 -5.24
N ALA A 95 -1.00 13.55 -4.65
CA ALA A 95 -0.22 12.99 -3.53
C ALA A 95 1.07 12.38 -4.09
N THR A 96 2.17 12.59 -3.37
CA THR A 96 3.51 12.07 -3.72
C THR A 96 4.13 11.45 -2.48
N LEU A 97 4.99 10.46 -2.75
CA LEU A 97 5.92 9.90 -1.73
C LEU A 97 7.23 10.71 -1.79
N ASN A 98 7.74 11.12 -0.63
CA ASN A 98 8.94 11.98 -0.54
C ASN A 98 9.88 11.41 0.53
N PHE A 99 11.15 11.31 0.17
CA PHE A 99 12.25 10.96 1.11
C PHE A 99 13.53 11.58 0.54
N PRO B 1 14.06 11.32 -3.09
CA PRO B 1 13.32 11.65 -4.32
C PRO B 1 11.85 11.94 -4.05
N GLN B 2 11.17 12.34 -5.10
CA GLN B 2 9.72 12.54 -5.08
C GLN B 2 9.16 11.51 -6.05
N ILE B 3 8.25 10.68 -5.58
CA ILE B 3 7.62 9.64 -6.41
C ILE B 3 6.12 9.93 -6.55
N THR B 4 5.64 10.05 -7.79
CA THR B 4 4.21 10.26 -8.02
C THR B 4 3.51 8.90 -8.05
N LEU B 5 2.20 8.92 -8.13
CA LEU B 5 1.40 7.69 -7.96
C LEU B 5 0.54 7.38 -9.19
N TRP B 6 0.89 7.92 -10.34
CA TRP B 6 0.16 7.61 -11.58
C TRP B 6 0.40 6.15 -12.01
N LYS B 7 1.56 5.60 -11.65
CA LYS B 7 1.93 4.20 -11.91
C LYS B 7 2.42 3.58 -10.60
N ARG B 8 2.53 2.26 -10.57
CA ARG B 8 3.00 1.55 -9.36
C ARG B 8 4.34 2.13 -8.93
N PRO B 9 4.53 2.49 -7.63
CA PRO B 9 5.79 3.10 -7.16
C PRO B 9 6.89 2.07 -6.83
N PHE B 10 7.49 1.55 -7.87
CA PHE B 10 8.65 0.64 -7.72
C PHE B 10 9.90 1.43 -7.46
N VAL B 11 10.80 0.87 -6.65
CA VAL B 11 12.12 1.46 -6.36
C VAL B 11 13.17 0.35 -6.53
N THR B 12 14.35 0.74 -6.93
CA THR B 12 15.52 -0.18 -6.93
C THR B 12 15.93 -0.45 -5.48
N VAL B 13 16.25 -1.72 -5.16
CA VAL B 13 16.65 -2.12 -3.80
C VAL B 13 17.98 -2.87 -3.90
N LYS B 14 18.95 -2.41 -3.17
CA LYS B 14 20.22 -3.16 -2.99
C LYS B 14 20.25 -3.78 -1.60
N ILE B 15 20.34 -5.09 -1.54
CA ILE B 15 20.29 -5.85 -0.26
C ILE B 15 21.00 -7.20 -0.44
N GLY B 16 21.75 -7.61 0.58
CA GLY B 16 22.50 -8.88 0.57
C GLY B 16 23.43 -8.96 -0.63
N GLY B 17 24.02 -7.82 -1.01
CA GLY B 17 24.87 -7.67 -2.20
C GLY B 17 24.14 -7.88 -3.52
N GLN B 18 22.80 -7.99 -3.52
CA GLN B 18 22.01 -8.24 -4.76
C GLN B 18 21.18 -6.99 -5.10
N ILE B 19 20.83 -6.79 -6.36
CA ILE B 19 19.95 -5.67 -6.80
C ILE B 19 18.61 -6.25 -7.25
N THR B 20 17.50 -5.69 -6.76
CA THR B 20 16.15 -6.15 -7.12
C THR B 20 15.28 -4.90 -7.14
N GLU B 21 13.99 -5.11 -7.32
CA GLU B 21 13.09 -3.95 -7.19
C GLU B 21 11.95 -4.39 -6.31
N ALA B 22 11.26 -3.38 -5.76
CA ALA B 22 10.16 -3.60 -4.85
C ALA B 22 9.20 -2.41 -4.94
N LEU B 23 7.98 -2.70 -4.52
CA LEU B 23 6.87 -1.75 -4.53
C LEU B 23 6.82 -1.02 -3.19
N LEU B 24 6.86 0.30 -3.20
CA LEU B 24 6.58 1.10 -1.98
C LEU B 24 5.11 0.96 -1.60
N ASP B 25 4.80 0.31 -0.47
CA ASP B 25 3.41 -0.09 -0.21
C ASP B 25 3.02 0.41 1.19
N THR B 26 2.41 1.59 1.24
CA THR B 26 2.01 2.18 2.55
C THR B 26 0.89 1.38 3.22
N GLY B 27 0.28 0.42 2.55
CA GLY B 27 -0.73 -0.48 3.15
C GLY B 27 -0.10 -1.69 3.82
N ALA B 28 1.22 -1.85 3.74
CA ALA B 28 1.93 -3.02 4.28
C ALA B 28 2.78 -2.58 5.47
N ASP B 29 2.68 -3.28 6.60
CA ASP B 29 3.54 -3.01 7.78
C ASP B 29 4.96 -3.50 7.46
N ASP B 30 5.09 -4.69 6.91
CA ASP B 30 6.40 -5.39 6.81
C ASP B 30 6.94 -5.31 5.39
N THR B 31 8.23 -5.44 5.26
CA THR B 31 8.97 -5.54 3.99
C THR B 31 9.21 -7.02 3.71
N ILE B 32 8.87 -7.47 2.52
CA ILE B 32 9.02 -8.89 2.15
C ILE B 32 9.66 -8.97 0.78
N ILE B 33 10.73 -9.73 0.68
CA ILE B 33 11.55 -9.88 -0.56
CA ILE B 33 11.52 -9.89 -0.58
C ILE B 33 11.74 -11.38 -0.81
N GLU B 34 11.49 -11.82 -2.04
CA GLU B 34 11.62 -13.23 -2.47
C GLU B 34 13.04 -13.48 -3.00
N ASN B 35 13.59 -14.68 -2.75
CA ASN B 35 14.74 -15.18 -3.54
C ASN B 35 15.95 -14.27 -3.35
N ILE B 36 16.17 -13.78 -2.13
CA ILE B 36 17.47 -13.16 -1.75
C ILE B 36 18.05 -14.04 -0.63
N SER B 37 19.38 -14.07 -0.55
CA SER B 37 20.12 -14.64 0.60
C SER B 37 20.57 -13.49 1.47
N LEU B 38 20.29 -13.61 2.76
CA LEU B 38 20.80 -12.64 3.76
C LEU B 38 21.69 -13.38 4.73
N PRO B 39 22.80 -12.74 5.13
CA PRO B 39 23.71 -13.35 6.11
C PRO B 39 23.14 -13.42 7.53
N GLY B 40 23.57 -14.47 8.22
CA GLY B 40 23.42 -14.64 9.66
C GLY B 40 22.03 -14.96 10.13
N ARG B 41 21.73 -14.41 11.29
CA ARG B 41 20.59 -14.82 12.11
C ARG B 41 19.27 -14.27 11.55
N TRP B 42 18.23 -15.10 11.57
CA TRP B 42 16.82 -14.71 11.31
C TRP B 42 16.00 -15.32 12.42
N LYS B 43 14.80 -14.80 12.65
CA LYS B 43 13.83 -15.45 13.59
C LYS B 43 12.69 -16.02 12.76
N PRO B 44 12.31 -17.30 13.01
CA PRO B 44 11.22 -17.93 12.28
C PRO B 44 9.99 -17.03 12.40
N LYS B 45 9.26 -16.84 11.31
CA LYS B 45 8.00 -16.04 11.28
C LYS B 45 6.96 -16.85 10.49
N ILE B 46 5.71 -16.81 10.97
CA ILE B 46 4.50 -17.38 10.30
C ILE B 46 3.75 -16.22 9.66
N ILE B 47 3.45 -16.32 8.35
CA ILE B 47 2.55 -15.37 7.62
C ILE B 47 1.43 -16.19 6.98
N GLN B 48 0.27 -15.56 6.74
CA GLN B 48 -0.81 -16.20 5.94
C GLN B 48 -0.32 -16.28 4.50
N GLY B 49 -0.40 -17.47 3.91
CA GLY B 49 -0.09 -17.72 2.50
C GLY B 49 -1.27 -18.37 1.81
N ILE B 50 -1.09 -18.74 0.54
CA ILE B 50 -2.12 -19.46 -0.26
C ILE B 50 -1.96 -20.94 0.12
N GLY B 51 -3.00 -21.53 0.72
CA GLY B 51 -3.01 -22.92 1.20
C GLY B 51 -2.65 -23.04 2.66
N GLY B 52 -1.57 -22.37 3.08
CA GLY B 52 -0.96 -22.55 4.41
C GLY B 52 -0.94 -21.27 5.25
N PHE B 53 -0.61 -21.45 6.54
CA PHE B 53 0.38 -20.64 7.27
C PHE B 53 1.72 -20.89 6.55
N LEU B 54 2.42 -19.86 6.06
CA LEU B 54 3.77 -19.97 5.45
C LEU B 54 4.84 -19.66 6.50
N LYS B 55 5.82 -20.55 6.66
CA LYS B 55 6.99 -20.35 7.58
C LYS B 55 8.10 -19.65 6.80
N VAL B 56 8.39 -18.39 7.14
CA VAL B 56 9.35 -17.52 6.42
C VAL B 56 10.39 -17.02 7.44
N ARG B 57 11.33 -16.21 7.00
CA ARG B 57 12.46 -15.76 7.83
C ARG B 57 12.35 -14.25 8.03
N GLN B 58 12.47 -13.79 9.27
CA GLN B 58 12.59 -12.35 9.59
C GLN B 58 14.03 -12.07 9.97
N TYR B 59 14.68 -11.23 9.18
CA TYR B 59 16.05 -10.77 9.43
C TYR B 59 15.98 -9.35 9.98
N ASP B 60 16.66 -9.08 11.08
CA ASP B 60 16.71 -7.74 11.69
C ASP B 60 18.06 -7.10 11.41
N GLN B 61 18.13 -5.76 11.48
CA GLN B 61 19.40 -4.99 11.36
C GLN B 61 20.10 -5.28 10.03
N ILE B 62 19.33 -5.30 8.94
CA ILE B 62 19.83 -5.56 7.58
C ILE B 62 20.05 -4.21 6.92
N PRO B 63 21.26 -3.95 6.39
CA PRO B 63 21.47 -2.79 5.55
C PRO B 63 20.69 -2.96 4.25
N ILE B 64 19.95 -1.91 3.90
CA ILE B 64 19.17 -1.87 2.64
C ILE B 64 19.45 -0.52 2.03
N GLU B 65 19.60 -0.48 0.72
CA GLU B 65 19.76 0.79 0.00
C GLU B 65 18.61 0.92 -0.99
N ILE B 66 17.82 1.97 -0.85
CA ILE B 66 16.62 2.18 -1.70
C ILE B 66 16.81 3.50 -2.43
N GLU B 67 16.70 3.44 -3.77
CA GLU B 67 17.00 4.57 -4.66
C GLU B 67 18.22 5.29 -4.09
N GLY B 68 19.27 4.53 -3.76
CA GLY B 68 20.56 5.10 -3.31
C GLY B 68 20.56 5.62 -1.88
N HIS B 69 19.46 5.51 -1.12
CA HIS B 69 19.44 5.90 0.31
C HIS B 69 19.71 4.66 1.18
N LYS B 70 20.64 4.75 2.14
CA LYS B 70 21.07 3.60 2.96
C LYS B 70 20.38 3.63 4.31
N VAL B 71 19.65 2.56 4.62
CA VAL B 71 19.01 2.40 5.93
C VAL B 71 19.34 1.03 6.49
N ILE B 72 18.97 0.84 7.72
CA ILE B 72 19.01 -0.47 8.43
C ILE B 72 17.58 -0.82 8.84
N GLY B 73 17.11 -2.02 8.48
CA GLY B 73 15.80 -2.42 8.94
C GLY B 73 15.59 -3.90 8.87
N SER B 74 14.37 -4.29 9.19
CA SER B 74 13.91 -5.71 9.24
C SER B 74 13.28 -6.09 7.90
N VAL B 75 13.66 -7.27 7.44
CA VAL B 75 13.25 -7.78 6.11
C VAL B 75 12.76 -9.20 6.32
N VAL B 76 11.57 -9.47 5.86
CA VAL B 76 11.03 -10.86 5.73
C VAL B 76 11.49 -11.43 4.38
N VAL B 77 12.10 -12.63 4.41
CA VAL B 77 12.47 -13.38 3.17
C VAL B 77 11.48 -14.52 3.04
N GLY B 78 10.73 -14.50 1.94
CA GLY B 78 9.68 -15.49 1.72
C GLY B 78 8.99 -15.25 0.38
N PRO B 79 8.17 -16.22 -0.05
CA PRO B 79 7.45 -16.12 -1.31
C PRO B 79 6.52 -14.91 -1.26
N THR B 80 6.47 -14.14 -2.34
CA THR B 80 5.56 -13.00 -2.44
C THR B 80 5.33 -12.74 -3.93
N PRO B 81 4.09 -12.40 -4.34
CA PRO B 81 3.77 -12.11 -5.73
C PRO B 81 4.63 -10.96 -6.28
N VAL B 82 4.92 -9.99 -5.41
CA VAL B 82 5.75 -8.80 -5.76
C VAL B 82 6.54 -8.46 -4.46
N ASN B 83 7.78 -8.09 -4.61
CA ASN B 83 8.59 -7.60 -3.48
C ASN B 83 8.02 -6.28 -3.00
N VAL B 84 7.96 -6.12 -1.68
CA VAL B 84 7.22 -4.99 -1.06
C VAL B 84 8.13 -4.34 -0.05
N ILE B 85 8.27 -3.03 -0.14
CA ILE B 85 8.83 -2.21 0.95
C ILE B 85 7.67 -1.69 1.79
N GLY B 86 7.57 -2.16 3.04
CA GLY B 86 6.49 -1.78 3.95
C GLY B 86 6.82 -0.53 4.77
N ARG B 87 5.88 -0.14 5.60
CA ARG B 87 6.01 1.09 6.39
C ARG B 87 7.22 1.04 7.30
N ASN B 88 7.61 -0.13 7.82
CA ASN B 88 8.75 -0.26 8.76
C ASN B 88 9.97 0.40 8.11
N VAL B 89 10.27 -0.03 6.90
CA VAL B 89 11.47 0.44 6.19
C VAL B 89 11.23 1.85 5.66
N MET B 90 10.02 2.15 5.18
CA MET B 90 9.73 3.52 4.69
C MET B 90 9.90 4.53 5.84
N SER B 91 9.49 4.17 7.04
CA SER B 91 9.72 5.02 8.25
CA SER B 91 9.72 4.97 8.27
C SER B 91 11.23 5.19 8.46
N GLN B 92 12.03 4.16 8.31
CA GLN B 92 13.52 4.36 8.39
C GLN B 92 14.05 5.32 7.32
N LEU B 93 13.57 5.28 6.07
CA LEU B 93 13.95 6.18 4.98
C LEU B 93 13.54 7.62 5.31
N GLY B 94 12.53 7.80 6.15
CA GLY B 94 11.91 9.11 6.44
C GLY B 94 10.91 9.46 5.36
N ALA B 95 10.34 8.45 4.71
CA ALA B 95 9.37 8.71 3.63
C ALA B 95 8.07 9.25 4.24
N THR B 96 7.44 10.19 3.53
CA THR B 96 6.16 10.79 3.88
C THR B 96 5.28 10.75 2.63
N LEU B 97 3.98 10.68 2.86
CA LEU B 97 2.97 10.98 1.83
C LEU B 97 2.61 12.44 1.98
N ASN B 98 2.47 13.13 0.87
CA ASN B 98 2.21 14.59 0.92
C ASN B 98 1.16 14.95 -0.13
N PHE B 99 0.18 15.75 0.29
CA PHE B 99 -0.81 16.34 -0.63
C PHE B 99 -1.42 17.57 0.02
#